data_7T1N
#
_entry.id   7T1N
#
loop_
_entity.id
_entity.type
_entity.pdbx_description
1 polymer 'RNA (56-MER)'
2 polymer 'HEXIM Arginine Rich Motif'
#
loop_
_entity_poly.entity_id
_entity_poly.type
_entity_poly.pdbx_seq_one_letter_code
_entity_poly.pdbx_strand_id
1 'polyribonucleotide' GGGAUCUGUCACCCCAUUGAUCGCCAGUGGCUGAUCUGGCUGGCUAGGCGGGUCCC A
2 'polypeptide(L)' GISYGRQLGKKKHRRRAHQ B
#
# COMPACT_ATOMS: atom_id res chain seq x y z
N GLY B 1 -15.81 -1.04 4.87
CA GLY B 1 -17.09 -1.82 4.88
C GLY B 1 -17.50 -2.12 3.43
N ILE B 2 -18.45 -1.35 2.91
CA ILE B 2 -18.94 -1.56 1.55
C ILE B 2 -17.78 -1.37 0.56
N SER B 3 -17.01 -0.29 0.75
CA SER B 3 -15.89 -0.01 -0.15
C SER B 3 -14.86 -1.14 -0.05
N TYR B 4 -14.32 -1.53 -1.20
CA TYR B 4 -13.31 -2.59 -1.26
C TYR B 4 -11.90 -2.01 -1.43
N GLY B 5 -11.76 -0.68 -1.33
CA GLY B 5 -10.47 -0.03 -1.50
C GLY B 5 -9.66 -0.10 -0.21
N ARG B 6 -8.41 0.34 -0.31
CA ARG B 6 -7.50 0.35 0.83
C ARG B 6 -6.81 1.70 0.92
N GLN B 7 -6.48 2.10 2.14
CA GLN B 7 -5.80 3.37 2.36
C GLN B 7 -4.31 3.22 2.12
N LEU B 8 -3.74 4.21 1.44
CA LEU B 8 -2.32 4.20 1.14
C LEU B 8 -1.75 5.62 1.21
N GLY B 9 -0.63 5.77 1.92
CA GLY B 9 0.02 7.08 2.08
C GLY B 9 0.62 7.56 0.76
N LYS B 10 0.75 8.87 0.64
CA LYS B 10 1.32 9.48 -0.57
C LYS B 10 2.74 9.00 -0.78
N LYS B 11 3.50 8.95 0.32
CA LYS B 11 4.88 8.50 0.27
C LYS B 11 4.90 6.98 0.39
N LYS B 12 5.49 6.34 -0.61
CA LYS B 12 5.57 4.88 -0.62
C LYS B 12 6.54 4.40 0.44
N HIS B 13 6.13 3.34 1.15
CA HIS B 13 6.96 2.77 2.23
C HIS B 13 7.41 1.35 1.88
N ARG B 14 7.33 0.98 0.59
CA ARG B 14 7.73 -0.36 0.16
C ARG B 14 8.91 -0.27 -0.78
N ARG B 15 9.99 -0.98 -0.42
CA ARG B 15 11.21 -0.96 -1.24
C ARG B 15 11.79 -2.37 -1.38
N ARG B 16 12.32 -2.89 -0.27
CA ARG B 16 12.89 -4.22 -0.23
C ARG B 16 11.81 -5.27 -0.46
N ALA B 17 12.25 -6.47 -0.84
CA ALA B 17 11.33 -7.57 -1.08
C ALA B 17 12.02 -8.91 -0.85
N HIS B 18 11.23 -9.91 -0.48
CA HIS B 18 11.75 -11.24 -0.21
C HIS B 18 12.41 -11.81 -1.46
N GLN B 19 13.55 -12.45 -1.28
CA GLN B 19 14.29 -13.03 -2.41
C GLN B 19 15.09 -14.25 -1.96
N GLY B 1 -16.76 -2.90 4.37
CA GLY B 1 -16.65 -1.52 3.82
C GLY B 1 -17.06 -1.52 2.35
N ILE B 2 -17.92 -0.55 1.98
CA ILE B 2 -18.40 -0.46 0.60
C ILE B 2 -17.22 -0.22 -0.33
N SER B 3 -16.34 0.73 0.04
CA SER B 3 -15.19 1.05 -0.78
C SER B 3 -14.27 -0.16 -0.91
N TYR B 4 -13.76 -0.37 -2.12
CA TYR B 4 -12.86 -1.50 -2.38
C TYR B 4 -11.40 -1.04 -2.52
N GLY B 5 -11.12 0.23 -2.17
CA GLY B 5 -9.77 0.77 -2.26
C GLY B 5 -8.95 0.37 -1.04
N ARG B 6 -7.68 0.78 -1.06
CA ARG B 6 -6.77 0.50 0.04
C ARG B 6 -6.05 1.77 0.44
N GLN B 7 -5.71 1.88 1.73
CA GLN B 7 -5.01 3.06 2.21
C GLN B 7 -3.61 3.14 1.60
N LEU B 8 -3.28 4.31 1.07
CA LEU B 8 -1.96 4.53 0.47
C LEU B 8 -1.37 5.83 1.00
N GLY B 9 -0.09 5.77 1.37
CA GLY B 9 0.61 6.94 1.89
C GLY B 9 0.91 7.95 0.80
N LYS B 10 1.42 9.11 1.21
CA LYS B 10 1.74 10.18 0.27
C LYS B 10 2.74 9.68 -0.78
N LYS B 11 3.65 8.82 -0.33
CA LYS B 11 4.67 8.26 -1.20
C LYS B 11 4.71 6.75 -1.01
N LYS B 12 5.23 6.04 -1.99
CA LYS B 12 5.33 4.60 -1.92
C LYS B 12 6.40 4.19 -0.92
N HIS B 13 6.09 3.17 -0.12
CA HIS B 13 7.03 2.68 0.88
C HIS B 13 7.47 1.24 0.57
N ARG B 14 7.28 0.80 -0.68
CA ARG B 14 7.66 -0.56 -1.04
C ARG B 14 8.93 -0.56 -1.87
N ARG B 15 9.94 -1.30 -1.41
CA ARG B 15 11.21 -1.39 -2.12
C ARG B 15 11.69 -2.83 -2.20
N ARG B 16 11.99 -3.39 -1.03
CA ARG B 16 12.45 -4.78 -0.95
C ARG B 16 11.41 -5.73 -1.49
N ALA B 17 11.87 -6.84 -2.05
CA ALA B 17 10.98 -7.85 -2.60
C ALA B 17 11.27 -9.23 -1.99
N HIS B 18 11.87 -9.24 -0.79
CA HIS B 18 12.19 -10.49 -0.10
C HIS B 18 13.02 -11.41 -1.00
N GLN B 19 14.11 -10.86 -1.55
CA GLN B 19 14.99 -11.62 -2.44
C GLN B 19 16.43 -11.62 -1.92
N GLY B 1 -14.09 -0.55 3.78
CA GLY B 1 -15.56 -0.82 3.73
C GLY B 1 -16.02 -0.90 2.29
N ILE B 2 -16.89 0.04 1.89
CA ILE B 2 -17.40 0.08 0.52
C ILE B 2 -16.25 0.27 -0.47
N SER B 3 -15.36 1.22 -0.16
CA SER B 3 -14.22 1.49 -1.04
C SER B 3 -13.34 0.25 -1.15
N TYR B 4 -12.89 -0.03 -2.35
CA TYR B 4 -12.01 -1.18 -2.60
C TYR B 4 -10.54 -0.78 -2.73
N GLY B 5 -10.23 0.50 -2.40
CA GLY B 5 -8.86 0.99 -2.49
C GLY B 5 -8.05 0.58 -1.29
N ARG B 6 -6.80 1.02 -1.27
CA ARG B 6 -5.88 0.70 -0.18
C ARG B 6 -5.23 1.98 0.32
N GLN B 7 -4.90 2.01 1.62
CA GLN B 7 -4.26 3.18 2.21
C GLN B 7 -2.74 3.11 2.06
N LEU B 8 -2.29 3.13 0.82
CA LEU B 8 -0.86 3.07 0.52
C LEU B 8 -0.14 4.28 1.11
N GLY B 9 -0.79 5.45 1.01
CA GLY B 9 -0.22 6.68 1.54
C GLY B 9 0.14 7.65 0.41
N LYS B 10 0.58 8.84 0.80
CA LYS B 10 0.95 9.88 -0.16
C LYS B 10 2.08 9.37 -1.07
N LYS B 11 3.03 8.68 -0.47
CA LYS B 11 4.16 8.13 -1.19
C LYS B 11 4.24 6.63 -0.91
N LYS B 12 4.77 5.89 -1.87
CA LYS B 12 4.90 4.45 -1.73
C LYS B 12 5.96 4.11 -0.71
N HIS B 13 5.69 3.07 0.07
CA HIS B 13 6.62 2.63 1.12
C HIS B 13 7.18 1.23 0.81
N ARG B 14 7.08 0.80 -0.46
CA ARG B 14 7.59 -0.52 -0.85
C ARG B 14 8.78 -0.37 -1.78
N ARG B 15 9.92 -0.93 -1.36
CA ARG B 15 11.15 -0.83 -2.15
C ARG B 15 11.86 -2.19 -2.19
N ARG B 16 12.41 -2.59 -1.05
CA ARG B 16 13.10 -3.87 -0.91
C ARG B 16 12.12 -5.01 -1.08
N ALA B 17 12.66 -6.21 -1.33
CA ALA B 17 11.84 -7.40 -1.50
C ALA B 17 12.60 -8.63 -1.07
N HIS B 18 11.86 -9.62 -0.56
CA HIS B 18 12.45 -10.87 -0.10
C HIS B 18 13.08 -11.61 -1.28
N GLN B 19 14.28 -12.15 -1.04
CA GLN B 19 15.00 -12.88 -2.07
C GLN B 19 14.56 -14.34 -2.08
N GLY B 1 -15.03 1.53 5.50
CA GLY B 1 -14.72 1.98 4.11
C GLY B 1 -15.46 1.07 3.13
N ILE B 2 -16.30 1.65 2.30
CA ILE B 2 -17.08 0.88 1.32
C ILE B 2 -16.12 0.17 0.35
N SER B 3 -15.12 0.90 -0.14
CA SER B 3 -14.16 0.32 -1.08
C SER B 3 -13.38 -0.79 -0.39
N TYR B 4 -13.16 -1.89 -1.12
CA TYR B 4 -12.40 -3.01 -0.59
C TYR B 4 -10.96 -3.03 -1.11
N GLY B 5 -10.54 -1.94 -1.78
CA GLY B 5 -9.21 -1.85 -2.34
C GLY B 5 -8.17 -1.63 -1.25
N ARG B 6 -6.91 -1.90 -1.58
CA ARG B 6 -5.82 -1.71 -0.64
C ARG B 6 -5.56 -0.23 -0.45
N GLN B 7 -5.19 0.16 0.78
CA GLN B 7 -4.92 1.56 1.06
C GLN B 7 -3.51 1.92 0.62
N LEU B 8 -3.37 3.12 0.05
CA LEU B 8 -2.07 3.58 -0.42
C LEU B 8 -1.82 5.00 0.09
N GLY B 9 -0.62 5.22 0.65
CA GLY B 9 -0.25 6.53 1.18
C GLY B 9 0.16 7.49 0.07
N LYS B 10 0.57 8.70 0.48
CA LYS B 10 0.98 9.73 -0.47
C LYS B 10 2.17 9.24 -1.29
N LYS B 11 3.11 8.58 -0.61
CA LYS B 11 4.29 8.05 -1.26
C LYS B 11 4.34 6.54 -1.02
N LYS B 12 4.89 5.81 -1.98
CA LYS B 12 4.96 4.36 -1.86
C LYS B 12 6.01 3.97 -0.84
N HIS B 13 5.66 2.99 -0.02
CA HIS B 13 6.58 2.50 1.03
C HIS B 13 7.00 1.06 0.77
N ARG B 14 6.85 0.60 -0.48
CA ARG B 14 7.23 -0.77 -0.82
C ARG B 14 8.44 -0.77 -1.73
N ARG B 15 9.50 -1.45 -1.30
CA ARG B 15 10.72 -1.51 -2.11
C ARG B 15 11.25 -2.94 -2.13
N ARG B 16 11.68 -3.41 -0.97
CA ARG B 16 12.20 -4.77 -0.83
C ARG B 16 11.08 -5.77 -1.01
N ALA B 17 11.43 -7.01 -1.35
CA ALA B 17 10.43 -8.06 -1.54
C ALA B 17 10.86 -9.32 -0.80
N HIS B 18 11.81 -10.05 -1.39
CA HIS B 18 12.30 -11.28 -0.79
C HIS B 18 13.55 -11.75 -1.51
N GLN B 19 14.48 -12.31 -0.76
CA GLN B 19 15.73 -12.82 -1.33
C GLN B 19 16.59 -13.50 -0.26
N GLY B 1 -14.79 -2.88 3.81
CA GLY B 1 -16.27 -2.72 3.94
C GLY B 1 -16.89 -2.71 2.55
N ILE B 2 -17.79 -1.74 2.31
CA ILE B 2 -18.46 -1.64 1.02
C ILE B 2 -17.43 -1.40 -0.09
N SER B 3 -16.51 -0.47 0.15
CA SER B 3 -15.48 -0.14 -0.84
C SER B 3 -14.60 -1.35 -1.08
N TYR B 4 -14.26 -1.59 -2.34
CA TYR B 4 -13.40 -2.71 -2.73
C TYR B 4 -11.97 -2.25 -3.00
N GLY B 5 -11.66 -0.99 -2.68
CA GLY B 5 -10.33 -0.44 -2.91
C GLY B 5 -9.40 -0.74 -1.73
N ARG B 6 -8.19 -0.20 -1.80
CA ARG B 6 -7.19 -0.39 -0.75
C ARG B 6 -6.66 0.96 -0.31
N GLN B 7 -6.32 1.06 0.98
CA GLN B 7 -5.79 2.31 1.51
C GLN B 7 -4.28 2.33 1.37
N LEU B 8 -3.79 3.31 0.60
CA LEU B 8 -2.34 3.46 0.38
C LEU B 8 -1.93 4.89 0.67
N GLY B 9 -0.78 5.05 1.33
CA GLY B 9 -0.27 6.38 1.67
C GLY B 9 0.29 7.10 0.45
N LYS B 10 0.36 8.43 0.54
CA LYS B 10 0.88 9.26 -0.55
C LYS B 10 2.33 8.88 -0.83
N LYS B 11 3.10 8.69 0.24
CA LYS B 11 4.49 8.31 0.12
C LYS B 11 4.60 6.79 0.13
N LYS B 12 5.18 6.25 -0.93
CA LYS B 12 5.33 4.80 -1.05
C LYS B 12 6.45 4.33 -0.12
N HIS B 13 6.17 3.25 0.59
CA HIS B 13 7.15 2.68 1.53
C HIS B 13 7.59 1.27 1.11
N ARG B 14 7.39 0.93 -0.16
CA ARG B 14 7.77 -0.39 -0.65
C ARG B 14 9.11 -0.31 -1.37
N ARG B 15 10.10 -1.01 -0.82
CA ARG B 15 11.45 -1.02 -1.42
C ARG B 15 12.06 -2.40 -1.34
N ARG B 16 11.97 -3.01 -0.16
CA ARG B 16 12.51 -4.34 0.06
C ARG B 16 11.69 -5.40 -0.66
N ALA B 17 12.35 -6.49 -1.03
CA ALA B 17 11.68 -7.59 -1.72
C ALA B 17 12.35 -8.91 -1.37
N HIS B 18 11.52 -9.91 -1.06
CA HIS B 18 12.01 -11.23 -0.69
C HIS B 18 12.63 -11.91 -1.90
N GLN B 19 13.78 -12.55 -1.70
CA GLN B 19 14.46 -13.25 -2.78
C GLN B 19 15.08 -14.55 -2.27
N GLY B 1 -18.37 -3.52 3.82
CA GLY B 1 -19.46 -3.84 2.86
C GLY B 1 -19.79 -2.60 2.02
N ILE B 2 -20.04 -1.49 2.71
CA ILE B 2 -20.38 -0.24 2.02
C ILE B 2 -19.20 0.19 1.12
N SER B 3 -17.99 0.14 1.66
CA SER B 3 -16.81 0.53 0.90
C SER B 3 -15.60 -0.29 1.34
N TYR B 4 -14.76 -0.63 0.37
CA TYR B 4 -13.54 -1.41 0.66
C TYR B 4 -12.29 -0.54 0.63
N GLY B 5 -12.48 0.79 0.62
CA GLY B 5 -11.35 1.71 0.55
C GLY B 5 -10.55 1.69 1.84
N ARG B 6 -9.26 1.97 1.72
CA ARG B 6 -8.37 2.01 2.89
C ARG B 6 -7.49 3.25 2.83
N GLN B 7 -7.11 3.76 3.98
CA GLN B 7 -6.24 4.94 4.03
C GLN B 7 -4.86 4.60 3.47
N LEU B 8 -4.40 5.42 2.52
CA LEU B 8 -3.10 5.21 1.91
C LEU B 8 -2.35 6.53 1.82
N GLY B 9 -1.07 6.50 2.20
CA GLY B 9 -0.24 7.71 2.18
C GLY B 9 0.08 8.16 0.76
N LYS B 10 0.46 9.43 0.63
CA LYS B 10 0.79 10.00 -0.67
C LYS B 10 1.97 9.26 -1.29
N LYS B 11 2.97 8.99 -0.47
CA LYS B 11 4.15 8.26 -0.92
C LYS B 11 3.91 6.77 -0.78
N LYS B 12 4.26 6.02 -1.81
CA LYS B 12 4.04 4.57 -1.79
C LYS B 12 5.15 3.87 -1.03
N HIS B 13 4.80 2.76 -0.39
CA HIS B 13 5.79 1.99 0.37
C HIS B 13 5.94 0.59 -0.22
N ARG B 14 6.95 0.42 -1.07
CA ARG B 14 7.20 -0.89 -1.67
C ARG B 14 8.56 -0.92 -2.33
N ARG B 15 9.45 -1.76 -1.82
CA ARG B 15 10.80 -1.87 -2.37
C ARG B 15 11.56 -2.99 -1.67
N ARG B 16 12.86 -3.09 -1.98
CA ARG B 16 13.71 -4.10 -1.37
C ARG B 16 13.35 -5.47 -1.92
N ALA B 17 14.26 -6.43 -1.78
CA ALA B 17 14.01 -7.77 -2.25
C ALA B 17 14.47 -8.79 -1.23
N HIS B 18 13.77 -9.93 -1.18
CA HIS B 18 14.11 -10.98 -0.23
C HIS B 18 15.01 -12.02 -0.90
N GLN B 19 16.17 -12.27 -0.30
CA GLN B 19 17.11 -13.24 -0.84
C GLN B 19 17.81 -13.99 0.28
N GLY B 1 -14.22 -3.72 4.40
CA GLY B 1 -15.27 -2.66 4.37
C GLY B 1 -15.88 -2.59 2.97
N ILE B 2 -16.66 -1.54 2.71
CA ILE B 2 -17.30 -1.38 1.41
C ILE B 2 -16.23 -1.26 0.31
N SER B 3 -15.21 -0.43 0.56
CA SER B 3 -14.15 -0.24 -0.41
C SER B 3 -13.40 -1.54 -0.62
N TYR B 4 -13.05 -1.82 -1.88
CA TYR B 4 -12.32 -3.04 -2.23
C TYR B 4 -10.83 -2.76 -2.44
N GLY B 5 -10.38 -1.54 -2.11
CA GLY B 5 -8.99 -1.16 -2.27
C GLY B 5 -8.17 -1.55 -1.05
N ARG B 6 -6.94 -1.04 -0.99
CA ARG B 6 -6.03 -1.33 0.12
C ARG B 6 -5.48 -0.02 0.66
N GLN B 7 -5.19 0.00 1.96
CA GLN B 7 -4.66 1.20 2.58
C GLN B 7 -3.26 1.48 2.05
N LEU B 8 -3.05 2.71 1.60
CA LEU B 8 -1.76 3.12 1.06
C LEU B 8 -1.42 4.54 1.53
N GLY B 9 -0.17 4.73 1.97
CA GLY B 9 0.28 6.03 2.45
C GLY B 9 0.51 7.00 1.30
N LYS B 10 0.78 8.26 1.65
CA LYS B 10 1.01 9.31 0.65
C LYS B 10 2.19 8.94 -0.24
N LYS B 11 3.22 8.38 0.38
CA LYS B 11 4.41 7.95 -0.33
C LYS B 11 4.49 6.43 -0.29
N LYS B 12 5.05 5.85 -1.35
CA LYS B 12 5.16 4.40 -1.43
C LYS B 12 6.19 3.91 -0.44
N HIS B 13 5.85 2.83 0.26
CA HIS B 13 6.76 2.23 1.25
C HIS B 13 7.40 0.96 0.71
N ARG B 14 7.26 0.71 -0.60
CA ARG B 14 7.83 -0.48 -1.18
C ARG B 14 9.25 -0.20 -1.64
N ARG B 15 10.22 -0.81 -0.97
CA ARG B 15 11.63 -0.63 -1.31
C ARG B 15 12.39 -1.94 -1.36
N ARG B 16 12.06 -2.82 -0.43
CA ARG B 16 12.72 -4.11 -0.32
C ARG B 16 11.71 -5.23 -0.45
N ALA B 17 12.21 -6.45 -0.56
CA ALA B 17 11.35 -7.62 -0.70
C ALA B 17 12.03 -8.86 -0.13
N HIS B 18 11.22 -9.87 0.15
CA HIS B 18 11.72 -11.11 0.72
C HIS B 18 12.76 -11.73 -0.19
N GLN B 19 12.43 -11.82 -1.49
CA GLN B 19 13.31 -12.40 -2.51
C GLN B 19 14.07 -13.62 -1.98
N GLY B 1 -14.83 -0.71 5.75
CA GLY B 1 -16.26 -1.05 5.52
C GLY B 1 -16.47 -1.41 4.06
N ILE B 2 -17.54 -0.88 3.45
CA ILE B 2 -17.84 -1.17 2.05
C ILE B 2 -16.70 -0.69 1.17
N SER B 3 -16.24 0.54 1.41
CA SER B 3 -15.16 1.11 0.61
C SER B 3 -13.89 0.31 0.81
N TYR B 4 -13.16 0.07 -0.29
CA TYR B 4 -11.91 -0.69 -0.23
C TYR B 4 -10.70 0.24 -0.30
N GLY B 5 -10.91 1.55 -0.17
CA GLY B 5 -9.82 2.52 -0.22
C GLY B 5 -8.95 2.44 1.01
N ARG B 6 -7.73 2.94 0.88
CA ARG B 6 -6.77 2.94 1.98
C ARG B 6 -6.08 4.29 2.06
N GLN B 7 -5.65 4.67 3.26
CA GLN B 7 -4.97 5.94 3.44
C GLN B 7 -3.49 5.81 3.08
N LEU B 8 -3.13 6.39 1.93
CA LEU B 8 -1.75 6.33 1.44
C LEU B 8 -1.24 7.74 1.20
N GLY B 9 0.07 7.91 1.37
CA GLY B 9 0.70 9.22 1.20
C GLY B 9 0.99 9.50 -0.27
N LYS B 10 1.80 10.52 -0.50
CA LYS B 10 2.18 10.92 -1.86
C LYS B 10 3.46 10.20 -2.31
N LYS B 11 3.82 9.13 -1.59
CA LYS B 11 5.00 8.35 -1.89
C LYS B 11 4.75 6.91 -1.51
N LYS B 12 5.51 6.01 -2.10
CA LYS B 12 5.36 4.58 -1.83
C LYS B 12 6.28 4.15 -0.72
N HIS B 13 5.83 3.16 0.04
CA HIS B 13 6.60 2.64 1.17
C HIS B 13 7.13 1.23 0.87
N ARG B 14 7.15 0.84 -0.41
CA ARG B 14 7.64 -0.48 -0.79
C ARG B 14 8.86 -0.36 -1.69
N ARG B 15 9.97 -0.95 -1.26
CA ARG B 15 11.22 -0.89 -2.03
C ARG B 15 11.88 -2.26 -2.09
N ARG B 16 12.37 -2.72 -0.93
CA ARG B 16 13.02 -4.01 -0.83
C ARG B 16 12.00 -5.12 -1.02
N ALA B 17 12.49 -6.35 -1.11
CA ALA B 17 11.63 -7.51 -1.30
C ALA B 17 12.24 -8.74 -0.65
N HIS B 18 11.38 -9.72 -0.36
CA HIS B 18 11.82 -10.96 0.27
C HIS B 18 12.84 -11.67 -0.60
N GLN B 19 12.59 -11.70 -1.91
CA GLN B 19 13.48 -12.35 -2.86
C GLN B 19 13.71 -13.80 -2.46
N GLY B 1 -16.24 0.47 6.00
CA GLY B 1 -17.49 -0.32 6.02
C GLY B 1 -17.97 -0.56 4.60
N ILE B 2 -18.85 0.32 4.11
CA ILE B 2 -19.38 0.19 2.75
C ILE B 2 -18.24 0.28 1.74
N SER B 3 -17.36 1.27 1.92
CA SER B 3 -16.24 1.45 1.00
C SER B 3 -15.33 0.24 1.04
N TYR B 4 -14.88 -0.19 -0.14
CA TYR B 4 -13.99 -1.34 -0.26
C TYR B 4 -12.54 -0.91 -0.52
N GLY B 5 -12.25 0.39 -0.41
CA GLY B 5 -10.91 0.91 -0.65
C GLY B 5 -10.01 0.68 0.56
N ARG B 6 -8.73 1.01 0.39
CA ARG B 6 -7.75 0.86 1.44
C ARG B 6 -6.94 2.14 1.57
N GLN B 7 -6.49 2.43 2.79
CA GLN B 7 -5.71 3.63 3.03
C GLN B 7 -4.29 3.43 2.51
N LEU B 8 -3.83 4.39 1.70
CA LEU B 8 -2.48 4.34 1.14
C LEU B 8 -1.85 5.72 1.19
N GLY B 9 -0.59 5.78 1.63
CA GLY B 9 0.14 7.04 1.74
C GLY B 9 0.44 7.63 0.36
N LYS B 10 0.69 8.94 0.34
CA LYS B 10 0.98 9.65 -0.91
C LYS B 10 2.24 9.08 -1.55
N LYS B 11 3.25 8.82 -0.71
CA LYS B 11 4.50 8.25 -1.18
C LYS B 11 4.47 6.75 -0.93
N LYS B 12 5.11 6.00 -1.81
CA LYS B 12 5.16 4.55 -1.68
C LYS B 12 6.07 4.16 -0.54
N HIS B 13 5.64 3.16 0.23
CA HIS B 13 6.42 2.68 1.38
C HIS B 13 6.91 1.25 1.14
N ARG B 14 6.93 0.81 -0.12
CA ARG B 14 7.40 -0.53 -0.44
C ARG B 14 8.86 -0.52 -0.85
N ARG B 15 9.64 -1.32 -0.14
CA ARG B 15 11.07 -1.42 -0.41
C ARG B 15 11.57 -2.83 -0.14
N ARG B 16 12.88 -3.03 -0.32
CA ARG B 16 13.49 -4.34 -0.04
C ARG B 16 12.96 -5.39 -1.01
N ALA B 17 13.66 -5.55 -2.12
CA ALA B 17 13.27 -6.55 -3.11
C ALA B 17 13.85 -7.90 -2.72
N HIS B 18 13.02 -8.69 -2.05
CA HIS B 18 13.44 -10.02 -1.61
C HIS B 18 13.77 -10.89 -2.81
N GLN B 19 14.87 -11.63 -2.72
CA GLN B 19 15.31 -12.50 -3.82
C GLN B 19 16.47 -13.39 -3.37
N GLY B 1 -16.28 -1.98 4.92
CA GLY B 1 -17.47 -2.84 4.64
C GLY B 1 -18.04 -2.50 3.27
N ILE B 2 -19.10 -1.69 3.25
CA ILE B 2 -19.73 -1.31 2.00
C ILE B 2 -18.73 -0.54 1.12
N SER B 3 -18.02 0.42 1.72
CA SER B 3 -17.06 1.21 0.97
C SER B 3 -15.93 0.32 0.48
N TYR B 4 -15.49 0.57 -0.76
CA TYR B 4 -14.40 -0.20 -1.36
C TYR B 4 -13.08 0.57 -1.32
N GLY B 5 -13.05 1.69 -0.58
CA GLY B 5 -11.84 2.51 -0.48
C GLY B 5 -10.76 1.81 0.33
N ARG B 6 -9.53 2.24 0.12
CA ARG B 6 -8.38 1.67 0.83
C ARG B 6 -7.49 2.79 1.34
N GLN B 7 -6.79 2.54 2.45
CA GLN B 7 -5.91 3.55 3.03
C GLN B 7 -4.49 3.37 2.50
N LEU B 8 -4.12 4.23 1.54
CA LEU B 8 -2.79 4.20 0.94
C LEU B 8 -2.10 5.54 1.11
N GLY B 9 -0.79 5.50 1.33
CA GLY B 9 -0.01 6.72 1.52
C GLY B 9 0.16 7.49 0.22
N LYS B 10 0.61 8.74 0.35
CA LYS B 10 0.82 9.61 -0.82
C LYS B 10 1.87 9.01 -1.74
N LYS B 11 2.92 8.46 -1.13
CA LYS B 11 4.00 7.84 -1.87
C LYS B 11 4.05 6.36 -1.52
N LYS B 12 4.57 5.56 -2.43
CA LYS B 12 4.65 4.12 -2.21
C LYS B 12 5.60 3.83 -1.06
N HIS B 13 5.18 2.91 -0.20
CA HIS B 13 5.98 2.53 0.96
C HIS B 13 6.45 1.07 0.86
N ARG B 14 6.39 0.50 -0.34
CA ARG B 14 6.82 -0.87 -0.53
C ARG B 14 8.24 -0.92 -1.06
N ARG B 15 9.11 -1.65 -0.35
CA ARG B 15 10.50 -1.77 -0.76
C ARG B 15 11.23 -2.79 0.11
N ARG B 16 11.07 -4.07 -0.26
CA ARG B 16 11.71 -5.16 0.47
C ARG B 16 12.23 -6.20 -0.49
N ALA B 17 13.32 -6.87 -0.09
CA ALA B 17 13.91 -7.92 -0.91
C ALA B 17 14.22 -9.13 -0.06
N HIS B 18 13.31 -10.10 -0.09
CA HIS B 18 13.47 -11.33 0.69
C HIS B 18 14.75 -12.04 0.26
N GLN B 19 14.94 -12.18 -1.05
CA GLN B 19 16.13 -12.85 -1.58
C GLN B 19 16.27 -14.24 -0.94
#